data_3GU8
#
_entry.id   3GU8
#
_cell.length_a   47.109
_cell.length_b   62.745
_cell.length_c   88.785
_cell.angle_alpha   90.00
_cell.angle_beta   90.00
_cell.angle_gamma   90.00
#
_symmetry.space_group_name_H-M   'P 21 21 21'
#
loop_
_entity.id
_entity.type
_entity.pdbx_description
1 polymer 'Death-associated protein kinase 1'
2 non-polymer N6-cyclopentyladenosine
3 water water
#
_entity_poly.entity_id   1
_entity_poly.type   'polypeptide(L)'
_entity_poly.pdbx_seq_one_letter_code
;MTVFRQENVDDYYDTGEELGSGQFAVVKKCREKSTGLQYAAKFIKKRRTKSSRRGVSREDIEREVSILKEIQHPNVITLH
EVYENKTDVILIGELVAGGELFDFLAEKESLTEEEATEFLKQILNGVYYLHSLQIAHFDLKPENIMLLDRNVPKPRIKII
DFGLAHKIDFGNEFKNIFGTPEFVAPEIVNYEPLGLEADMWSIGVITYILLSGASPFLGDTKQETLANVSAVNYEFEDEY
FSNTSALAKDFIRRLLVKDPKKRMTIQDSLQHPWIKPKDTQQALSSAWSHPQFEK
;
_entity_poly.pdbx_strand_id   A
#
# COMPACT_ATOMS: atom_id res chain seq x y z
N THR A 2 14.05 13.81 14.89
CA THR A 2 14.76 14.33 13.66
C THR A 2 13.98 15.53 13.14
N VAL A 3 14.69 16.56 12.72
N VAL A 3 14.73 16.52 12.65
CA VAL A 3 13.99 17.73 12.19
CA VAL A 3 14.20 17.81 12.19
C VAL A 3 14.11 17.76 10.67
C VAL A 3 14.23 17.90 10.66
N PHE A 4 13.22 18.52 10.05
CA PHE A 4 13.14 18.63 8.61
C PHE A 4 13.33 20.08 8.16
N ARG A 5 13.36 20.31 6.85
CA ARG A 5 13.58 21.65 6.27
C ARG A 5 12.48 22.64 6.65
N GLN A 6 12.87 23.74 7.31
CA GLN A 6 11.88 24.68 7.81
C GLN A 6 11.73 25.99 7.02
N GLU A 7 12.40 26.08 5.87
CA GLU A 7 12.08 27.12 4.92
C GLU A 7 10.67 26.89 4.36
N ASN A 8 10.06 27.94 3.82
CA ASN A 8 8.72 27.84 3.27
C ASN A 8 8.80 27.01 1.98
N VAL A 9 7.99 25.96 1.89
N VAL A 9 7.99 25.95 1.92
CA VAL A 9 8.03 25.11 0.71
CA VAL A 9 7.88 25.09 0.72
C VAL A 9 7.59 25.87 -0.57
C VAL A 9 7.66 25.94 -0.53
N ASP A 10 6.77 26.91 -0.41
CA ASP A 10 6.39 27.76 -1.53
C ASP A 10 7.53 28.57 -2.14
N ASP A 11 8.61 28.73 -1.40
CA ASP A 11 9.77 29.44 -1.96
C ASP A 11 10.57 28.57 -2.92
N TYR A 12 10.33 27.26 -2.87
CA TYR A 12 11.11 26.32 -3.66
C TYR A 12 10.29 25.49 -4.63
N TYR A 13 8.97 25.45 -4.40
CA TYR A 13 8.03 24.66 -5.24
C TYR A 13 6.77 25.45 -5.51
N ASP A 14 6.18 25.21 -6.68
CA ASP A 14 4.81 25.60 -6.98
C ASP A 14 3.95 24.37 -6.98
N THR A 15 2.78 24.45 -6.35
CA THR A 15 1.83 23.33 -6.32
C THR A 15 0.75 23.51 -7.38
N GLY A 16 0.18 22.40 -7.84
CA GLY A 16 -0.95 22.43 -8.75
C GLY A 16 -2.10 21.54 -8.32
N GLU A 17 -2.52 20.67 -9.23
CA GLU A 17 -3.64 19.77 -9.04
C GLU A 17 -3.54 18.92 -7.76
N GLU A 18 -4.66 18.74 -7.08
CA GLU A 18 -4.72 17.79 -5.99
C GLU A 18 -4.79 16.38 -6.53
N LEU A 19 -3.96 15.48 -5.99
CA LEU A 19 -3.86 14.10 -6.46
C LEU A 19 -4.63 13.09 -5.62
N GLY A 20 -4.87 13.42 -4.35
CA GLY A 20 -5.60 12.50 -3.48
C GLY A 20 -5.54 12.93 -2.03
N SER A 21 -6.17 12.13 -1.18
CA SER A 21 -6.43 12.47 0.22
C SER A 21 -6.48 11.26 1.13
N GLY A 22 -6.02 11.46 2.36
CA GLY A 22 -6.30 10.58 3.48
C GLY A 22 -6.99 11.39 4.55
N GLN A 23 -7.21 10.79 5.72
CA GLN A 23 -7.90 11.47 6.81
C GLN A 23 -7.13 12.67 7.36
N PHE A 24 -5.80 12.56 7.36
CA PHE A 24 -4.93 13.62 7.90
C PHE A 24 -3.88 14.10 6.89
N ALA A 25 -4.14 13.87 5.60
CA ALA A 25 -3.14 14.18 4.58
C ALA A 25 -3.76 14.55 3.25
N VAL A 26 -3.10 15.43 2.52
CA VAL A 26 -3.54 15.79 1.18
C VAL A 26 -2.31 15.75 0.30
N VAL A 27 -2.47 15.22 -0.91
CA VAL A 27 -1.34 15.08 -1.83
C VAL A 27 -1.58 15.98 -3.04
N LYS A 28 -0.58 16.81 -3.37
CA LYS A 28 -0.68 17.74 -4.49
C LYS A 28 0.47 17.57 -5.45
N LYS A 29 0.18 17.73 -6.74
CA LYS A 29 1.25 17.81 -7.75
C LYS A 29 2.06 19.07 -7.45
N CYS A 30 3.35 18.99 -7.65
CA CYS A 30 4.16 20.19 -7.49
C CYS A 30 5.35 20.18 -8.44
N ARG A 31 5.98 21.34 -8.54
CA ARG A 31 7.12 21.52 -9.44
C ARG A 31 8.22 22.27 -8.72
N GLU A 32 9.43 21.71 -8.74
CA GLU A 32 10.59 22.34 -8.10
C GLU A 32 11.02 23.50 -8.98
N LYS A 33 11.10 24.70 -8.39
CA LYS A 33 11.48 25.91 -9.13
C LYS A 33 12.88 25.83 -9.76
N SER A 34 13.84 25.24 -9.06
CA SER A 34 15.24 25.26 -9.53
C SER A 34 15.53 24.32 -10.71
N THR A 35 14.71 23.27 -10.88
CA THR A 35 14.98 22.21 -11.86
C THR A 35 13.85 22.01 -12.86
N GLY A 36 12.67 22.53 -12.53
CA GLY A 36 11.48 22.27 -13.32
C GLY A 36 10.92 20.85 -13.23
N LEU A 37 11.49 20.02 -12.34
CA LEU A 37 11.03 18.65 -12.19
C LEU A 37 9.79 18.57 -11.33
N GLN A 38 8.96 17.59 -11.64
CA GLN A 38 7.67 17.48 -11.00
C GLN A 38 7.68 16.34 -9.98
N TYR A 39 6.96 16.58 -8.89
CA TYR A 39 6.87 15.67 -7.76
C TYR A 39 5.45 15.64 -7.23
N ALA A 40 5.21 14.74 -6.27
CA ALA A 40 3.97 14.79 -5.47
C ALA A 40 4.36 15.22 -4.06
N ALA A 41 3.61 16.17 -3.48
CA ALA A 41 3.84 16.63 -2.12
C ALA A 41 2.71 16.16 -1.24
N LYS A 42 3.03 15.34 -0.26
CA LYS A 42 2.05 14.86 0.72
C LYS A 42 2.13 15.71 1.98
N PHE A 43 1.08 16.48 2.25
CA PHE A 43 1.00 17.36 3.43
C PHE A 43 0.31 16.59 4.57
N ILE A 44 1.08 16.22 5.59
CA ILE A 44 0.58 15.42 6.72
C ILE A 44 0.32 16.35 7.92
N LYS A 45 -0.90 16.36 8.42
CA LYS A 45 -1.24 17.23 9.54
C LYS A 45 -0.59 16.73 10.82
N LYS A 46 0.13 17.63 11.50
CA LYS A 46 0.74 17.34 12.78
C LYS A 46 -0.27 17.36 13.93
N ARG A 47 0.03 16.59 14.97
CA ARG A 47 -0.70 16.71 16.25
C ARG A 47 -0.44 18.04 16.91
N ARG A 48 -1.52 18.64 17.41
CA ARG A 48 -1.47 19.96 18.04
C ARG A 48 -1.16 19.89 19.55
N THR A 49 -1.34 18.71 20.14
CA THR A 49 -0.98 18.37 21.55
C THR A 49 -0.49 16.91 21.67
N LYS A 50 -0.17 16.45 22.88
CA LYS A 50 0.26 15.06 23.08
C LYS A 50 -0.92 14.10 23.05
N SER A 51 -2.01 14.48 23.73
CA SER A 51 -3.18 13.62 23.90
C SER A 51 -4.25 13.80 22.82
N SER A 52 -3.90 14.50 21.75
CA SER A 52 -4.86 14.76 20.67
C SER A 52 -5.10 13.54 19.78
N ARG A 53 -6.36 13.33 19.43
CA ARG A 53 -6.76 12.29 18.49
C ARG A 53 -6.61 12.78 17.04
N ARG A 54 -6.53 14.09 16.86
CA ARG A 54 -6.39 14.68 15.54
C ARG A 54 -4.92 14.75 15.11
N GLY A 55 -4.68 14.59 13.81
CA GLY A 55 -3.34 14.67 13.25
C GLY A 55 -2.51 13.41 13.48
N VAL A 56 -1.28 13.42 13.00
CA VAL A 56 -0.41 12.26 13.07
C VAL A 56 0.73 12.56 14.04
N SER A 57 1.00 11.64 14.96
CA SER A 57 2.06 11.84 15.96
C SER A 57 3.41 11.99 15.30
N ARG A 58 4.31 12.72 15.94
N ARG A 58 4.33 12.72 15.93
CA ARG A 58 5.67 12.89 15.45
CA ARG A 58 5.65 12.88 15.32
C ARG A 58 6.35 11.56 15.20
C ARG A 58 6.40 11.54 15.19
N GLU A 59 6.20 10.64 16.15
CA GLU A 59 6.78 9.30 16.06
C GLU A 59 6.33 8.61 14.77
N ASP A 60 5.03 8.66 14.48
CA ASP A 60 4.49 8.03 13.27
C ASP A 60 5.01 8.67 11.99
N ILE A 61 5.10 10.00 11.98
CA ILE A 61 5.61 10.70 10.80
C ILE A 61 7.09 10.34 10.57
N GLU A 62 7.87 10.33 11.65
CA GLU A 62 9.30 10.05 11.57
C GLU A 62 9.55 8.62 11.07
N ARG A 63 8.68 7.70 11.48
CA ARG A 63 8.80 6.31 11.05
C ARG A 63 8.59 6.20 9.54
N GLU A 64 7.52 6.81 9.03
CA GLU A 64 7.23 6.81 7.59
C GLU A 64 8.38 7.43 6.81
N VAL A 65 8.87 8.57 7.27
CA VAL A 65 10.00 9.21 6.60
C VAL A 65 11.24 8.32 6.60
N SER A 66 11.53 7.67 7.73
N SER A 66 11.53 7.68 7.74
CA SER A 66 12.73 6.83 7.84
CA SER A 66 12.72 6.82 7.84
C SER A 66 12.68 5.60 6.92
C SER A 66 12.64 5.68 6.82
N ILE A 67 11.48 5.06 6.76
CA ILE A 67 11.26 3.94 5.82
C ILE A 67 11.41 4.41 4.39
N LEU A 68 10.78 5.53 4.06
CA LEU A 68 10.87 6.05 2.69
C LEU A 68 12.31 6.39 2.31
N LYS A 69 13.09 6.88 3.25
CA LYS A 69 14.50 7.18 2.95
C LYS A 69 15.31 5.93 2.57
N GLU A 70 14.96 4.77 3.08
N GLU A 70 14.90 4.78 3.12
CA GLU A 70 15.77 3.58 2.85
CA GLU A 70 15.60 3.48 3.00
C GLU A 70 15.54 3.03 1.43
C GLU A 70 15.43 2.81 1.65
N ILE A 71 14.28 3.06 1.00
CA ILE A 71 13.87 2.30 -0.17
C ILE A 71 14.21 2.91 -1.51
N GLN A 72 14.64 2.05 -2.42
CA GLN A 72 14.83 2.39 -3.83
C GLN A 72 14.65 1.15 -4.67
N HIS A 73 13.53 1.12 -5.37
CA HIS A 73 13.15 0.00 -6.19
C HIS A 73 12.14 0.50 -7.23
N PRO A 74 12.18 -0.05 -8.46
CA PRO A 74 11.24 0.45 -9.48
C PRO A 74 9.76 0.37 -9.10
N ASN A 75 9.38 -0.56 -8.23
CA ASN A 75 7.97 -0.73 -7.84
C ASN A 75 7.54 -0.08 -6.53
N VAL A 76 8.42 0.78 -6.01
N VAL A 76 8.38 0.82 -6.00
CA VAL A 76 8.13 1.56 -4.84
CA VAL A 76 8.03 1.63 -4.83
C VAL A 76 8.53 3.01 -5.06
C VAL A 76 8.33 3.10 -5.14
N ILE A 77 7.74 3.90 -4.48
N ILE A 77 7.61 4.02 -4.48
CA ILE A 77 7.99 5.32 -4.54
CA ILE A 77 7.88 5.46 -4.62
C ILE A 77 9.39 5.69 -4.04
C ILE A 77 9.19 5.86 -3.90
N THR A 78 9.90 6.82 -4.51
CA THR A 78 11.12 7.39 -3.92
C THR A 78 10.73 8.68 -3.14
N LEU A 79 11.54 9.02 -2.14
CA LEU A 79 11.39 10.28 -1.40
C LEU A 79 12.44 11.26 -1.92
N HIS A 80 12.04 12.52 -2.11
CA HIS A 80 12.95 13.54 -2.61
C HIS A 80 13.41 14.48 -1.51
N GLU A 81 12.44 15.05 -0.78
CA GLU A 81 12.77 16.04 0.27
C GLU A 81 11.70 16.02 1.32
N VAL A 82 12.03 16.48 2.55
CA VAL A 82 11.00 16.69 3.56
C VAL A 82 11.08 18.11 4.13
N TYR A 83 9.95 18.81 4.14
CA TYR A 83 9.83 20.12 4.79
C TYR A 83 8.88 20.02 5.97
N GLU A 84 8.88 21.01 6.85
CA GLU A 84 7.88 21.03 7.92
C GLU A 84 7.65 22.46 8.34
N ASN A 85 6.46 22.70 8.86
CA ASN A 85 6.18 23.96 9.54
C ASN A 85 5.32 23.63 10.75
N LYS A 86 4.69 24.64 11.37
CA LYS A 86 3.96 24.43 12.61
C LYS A 86 2.81 23.41 12.48
N THR A 87 2.19 23.36 11.30
CA THR A 87 0.99 22.56 11.11
C THR A 87 1.17 21.25 10.34
N ASP A 88 2.17 21.20 9.46
CA ASP A 88 2.34 20.08 8.54
C ASP A 88 3.76 19.57 8.47
N VAL A 89 3.91 18.27 8.17
CA VAL A 89 5.15 17.79 7.56
C VAL A 89 4.83 17.54 6.10
N ILE A 90 5.72 17.98 5.21
CA ILE A 90 5.49 17.92 3.77
C ILE A 90 6.51 16.99 3.14
N LEU A 91 6.06 15.80 2.71
N LEU A 91 6.01 15.84 2.71
CA LEU A 91 6.94 14.88 1.99
CA LEU A 91 6.81 14.75 2.23
C LEU A 91 6.87 15.20 0.52
C LEU A 91 6.80 14.80 0.71
N ILE A 92 8.03 15.43 -0.08
N ILE A 92 7.86 15.33 0.13
CA ILE A 92 8.12 15.67 -1.50
CA ILE A 92 7.89 15.50 -1.32
C ILE A 92 8.71 14.42 -2.13
C ILE A 92 8.59 14.30 -1.94
N GLY A 93 7.90 13.66 -2.88
CA GLY A 93 8.41 12.44 -3.47
C GLY A 93 7.94 12.20 -4.89
N GLU A 94 8.18 10.97 -5.34
CA GLU A 94 7.94 10.61 -6.74
C GLU A 94 6.48 10.78 -7.13
N LEU A 95 6.27 11.54 -8.19
CA LEU A 95 4.93 11.70 -8.76
C LEU A 95 4.53 10.47 -9.55
N VAL A 96 3.45 9.81 -9.13
CA VAL A 96 2.94 8.67 -9.90
C VAL A 96 1.66 9.16 -10.55
N ALA A 97 1.71 9.36 -11.87
CA ALA A 97 0.70 10.17 -12.55
C ALA A 97 -0.43 9.42 -13.26
N GLY A 98 -0.37 8.09 -13.24
CA GLY A 98 -1.34 7.25 -13.97
C GLY A 98 -2.53 6.77 -13.16
N GLY A 99 -2.65 7.27 -11.94
CA GLY A 99 -3.82 7.02 -11.10
C GLY A 99 -3.75 5.70 -10.36
N GLU A 100 -4.77 5.46 -9.56
CA GLU A 100 -4.86 4.25 -8.74
C GLU A 100 -5.23 3.02 -9.56
N LEU A 101 -4.79 1.86 -9.08
CA LEU A 101 -4.92 0.58 -9.77
C LEU A 101 -6.15 0.20 -10.62
N PHE A 102 -7.40 0.15 -10.16
CA PHE A 102 -8.17 0.52 -8.94
C PHE A 102 -9.01 1.80 -9.01
N ASP A 103 -8.80 2.58 -10.08
CA ASP A 103 -9.80 3.55 -10.51
C ASP A 103 -9.72 2.94 -11.92
N PHE A 104 -8.56 2.40 -12.26
CA PHE A 104 -8.32 1.68 -13.51
C PHE A 104 -9.19 0.42 -13.54
N LEU A 105 -9.33 -0.24 -12.38
CA LEU A 105 -10.17 -1.44 -12.27
C LEU A 105 -11.65 -1.09 -12.38
N ALA A 106 -12.01 0.07 -11.82
CA ALA A 106 -13.40 0.55 -11.84
C ALA A 106 -13.81 1.06 -13.22
N GLU A 107 -12.88 1.73 -13.91
CA GLU A 107 -13.13 2.26 -15.24
C GLU A 107 -13.12 1.17 -16.29
N LYS A 108 -12.33 0.13 -16.07
CA LYS A 108 -12.11 -0.94 -17.04
C LYS A 108 -13.04 -2.13 -16.81
N GLU A 109 -13.34 -2.82 -17.90
CA GLU A 109 -13.99 -4.13 -17.86
C GLU A 109 -13.12 -5.15 -17.11
N SER A 110 -13.67 -6.35 -16.87
CA SER A 110 -12.94 -7.41 -16.16
C SER A 110 -11.60 -7.75 -16.82
N LEU A 111 -10.59 -8.08 -16.01
CA LEU A 111 -9.24 -8.39 -16.50
C LEU A 111 -9.05 -9.85 -16.95
N THR A 112 -8.14 -10.08 -17.89
CA THR A 112 -7.69 -11.43 -18.22
C THR A 112 -6.70 -11.89 -17.15
N GLU A 113 -6.44 -13.19 -17.03
CA GLU A 113 -5.42 -13.67 -16.09
C GLU A 113 -4.04 -13.11 -16.39
N GLU A 114 -3.72 -12.97 -17.68
CA GLU A 114 -2.44 -12.35 -18.07
C GLU A 114 -2.32 -10.91 -17.57
N GLU A 115 -3.39 -10.13 -17.77
N GLU A 115 -3.39 -10.13 -17.71
CA GLU A 115 -3.44 -8.75 -17.28
CA GLU A 115 -3.36 -8.73 -17.26
C GLU A 115 -3.20 -8.73 -15.78
C GLU A 115 -3.36 -8.59 -15.74
N ALA A 116 -3.97 -9.56 -15.07
CA ALA A 116 -3.93 -9.61 -13.63
C ALA A 116 -2.50 -10.00 -13.17
N THR A 117 -1.91 -11.04 -13.79
CA THR A 117 -0.56 -11.45 -13.37
C THR A 117 0.53 -10.44 -13.73
N GLU A 118 0.33 -9.68 -14.80
N GLU A 118 0.33 -9.69 -14.81
CA GLU A 118 1.29 -8.61 -15.16
CA GLU A 118 1.25 -8.62 -15.18
C GLU A 118 1.36 -7.55 -14.07
C GLU A 118 1.36 -7.63 -14.02
N PHE A 119 0.21 -7.20 -13.50
CA PHE A 119 0.14 -6.25 -12.38
C PHE A 119 0.70 -6.96 -11.16
N LEU A 120 0.18 -8.17 -10.91
CA LEU A 120 0.51 -8.87 -9.69
C LEU A 120 2.00 -9.13 -9.56
N LYS A 121 2.68 -9.51 -10.65
CA LYS A 121 4.10 -9.78 -10.59
C LYS A 121 4.90 -8.57 -10.13
N GLN A 122 4.47 -7.39 -10.57
CA GLN A 122 5.11 -6.16 -10.14
C GLN A 122 4.89 -5.86 -8.66
N ILE A 123 3.68 -6.10 -8.18
CA ILE A 123 3.40 -5.95 -6.75
C ILE A 123 4.28 -6.93 -5.95
N LEU A 124 4.35 -8.19 -6.40
CA LEU A 124 5.19 -9.16 -5.73
C LEU A 124 6.66 -8.76 -5.73
N ASN A 125 7.16 -8.19 -6.82
CA ASN A 125 8.56 -7.75 -6.84
C ASN A 125 8.81 -6.61 -5.83
N GLY A 126 7.87 -5.68 -5.75
CA GLY A 126 7.95 -4.54 -4.80
C GLY A 126 7.92 -5.07 -3.36
N VAL A 127 6.98 -5.97 -3.08
CA VAL A 127 6.90 -6.54 -1.75
C VAL A 127 8.11 -7.44 -1.41
N TYR A 128 8.63 -8.16 -2.40
CA TYR A 128 9.83 -8.96 -2.18
C TYR A 128 10.97 -8.04 -1.72
N TYR A 129 11.10 -6.89 -2.37
CA TYR A 129 12.12 -5.92 -2.00
C TYR A 129 11.89 -5.45 -0.54
N LEU A 130 10.66 -5.05 -0.24
CA LEU A 130 10.35 -4.54 1.11
C LEU A 130 10.61 -5.60 2.16
N HIS A 131 10.08 -6.80 1.95
CA HIS A 131 10.22 -7.86 2.93
C HIS A 131 11.67 -8.29 3.13
N SER A 132 12.44 -8.27 2.04
CA SER A 132 13.89 -8.53 2.12
C SER A 132 14.56 -7.56 3.07
N LEU A 133 13.99 -6.37 3.18
CA LEU A 133 14.46 -5.34 4.08
C LEU A 133 13.79 -5.38 5.45
N GLN A 134 13.00 -6.44 5.68
CA GLN A 134 12.18 -6.58 6.88
C GLN A 134 11.22 -5.41 7.09
N ILE A 135 10.71 -4.85 6.00
CA ILE A 135 9.68 -3.83 6.05
C ILE A 135 8.32 -4.44 5.69
N ALA A 136 7.39 -4.35 6.65
CA ALA A 136 5.98 -4.67 6.39
C ALA A 136 5.26 -3.39 6.03
N HIS A 137 4.49 -3.44 4.96
CA HIS A 137 3.76 -2.27 4.50
C HIS A 137 2.52 -2.02 5.36
N PHE A 138 1.78 -3.11 5.66
CA PHE A 138 0.57 -3.09 6.49
C PHE A 138 -0.63 -2.33 5.95
N ASP A 139 -0.56 -1.82 4.73
CA ASP A 139 -1.71 -1.12 4.15
C ASP A 139 -1.83 -1.38 2.65
N LEU A 140 -1.56 -2.63 2.25
CA LEU A 140 -1.69 -2.98 0.82
C LEU A 140 -3.15 -3.13 0.43
N LYS A 141 -3.53 -2.39 -0.61
CA LYS A 141 -4.90 -2.37 -1.15
C LYS A 141 -4.85 -1.64 -2.48
N PRO A 142 -5.86 -1.83 -3.33
CA PRO A 142 -5.80 -1.22 -4.66
C PRO A 142 -5.63 0.31 -4.70
N GLU A 143 -6.09 1.03 -3.68
CA GLU A 143 -5.88 2.49 -3.62
C GLU A 143 -4.42 2.89 -3.42
N ASN A 144 -3.63 1.94 -2.93
CA ASN A 144 -2.21 2.16 -2.69
C ASN A 144 -1.30 1.53 -3.73
N ILE A 145 -1.87 1.14 -4.86
CA ILE A 145 -1.12 0.61 -5.99
C ILE A 145 -1.42 1.57 -7.14
N MET A 146 -0.41 2.31 -7.56
CA MET A 146 -0.54 3.41 -8.54
C MET A 146 0.14 3.02 -9.84
N LEU A 147 -0.37 3.54 -10.95
N LEU A 147 -0.36 3.53 -10.96
CA LEU A 147 0.24 3.31 -12.26
CA LEU A 147 0.25 3.29 -12.26
C LEU A 147 1.11 4.51 -12.65
C LEU A 147 1.10 4.49 -12.65
N LEU A 148 2.25 4.26 -13.27
CA LEU A 148 3.26 5.33 -13.41
C LEU A 148 3.20 6.48 -14.45
N ASP A 149 2.93 6.33 -15.77
CA ASP A 149 2.19 5.31 -16.59
C ASP A 149 1.18 4.32 -17.18
N ARG A 150 0.03 4.50 -17.21
CA ARG A 150 -1.11 4.78 -18.07
C ARG A 150 -1.04 6.30 -18.22
N ASN A 151 -0.39 6.73 -19.32
CA ASN A 151 -0.11 5.86 -20.46
C ASN A 151 1.35 5.51 -20.73
N VAL A 152 1.57 4.22 -20.96
CA VAL A 152 2.58 3.64 -21.86
C VAL A 152 2.19 2.19 -22.23
N PRO A 153 0.92 1.80 -21.99
CA PRO A 153 0.51 0.43 -21.61
C PRO A 153 1.11 -0.71 -22.44
N LYS A 154 2.13 -1.43 -21.93
CA LYS A 154 2.92 -1.18 -20.67
C LYS A 154 2.34 -0.37 -19.48
N PRO A 155 1.75 -1.08 -18.49
CA PRO A 155 1.14 -0.57 -17.28
C PRO A 155 1.96 -0.88 -16.01
N ARG A 156 3.03 -0.11 -15.80
CA ARG A 156 3.93 -0.29 -14.66
C ARG A 156 3.36 0.33 -13.38
N ILE A 157 3.67 -0.29 -12.25
N ILE A 157 3.67 -0.28 -12.24
CA ILE A 157 3.10 0.17 -10.98
CA ILE A 157 3.11 0.21 -11.00
C ILE A 157 4.11 0.50 -9.89
C ILE A 157 4.11 0.51 -9.90
N LYS A 158 3.65 1.31 -8.94
CA LYS A 158 4.42 1.65 -7.76
C LYS A 158 3.50 1.59 -6.54
N ILE A 159 4.03 0.96 -5.49
CA ILE A 159 3.39 0.92 -4.20
C ILE A 159 3.60 2.24 -3.50
N ILE A 160 2.52 2.76 -2.95
CA ILE A 160 2.55 4.06 -2.24
C ILE A 160 2.02 3.93 -0.80
N ASP A 161 2.05 5.07 -0.10
CA ASP A 161 1.47 5.22 1.24
C ASP A 161 2.06 4.32 2.32
N PHE A 162 3.23 4.72 2.77
CA PHE A 162 3.94 4.01 3.80
C PHE A 162 3.62 4.47 5.24
N GLY A 163 2.41 5.02 5.43
CA GLY A 163 1.99 5.55 6.74
C GLY A 163 1.85 4.52 7.84
N LEU A 164 1.62 3.26 7.46
CA LEU A 164 1.50 2.19 8.45
C LEU A 164 2.71 1.25 8.45
N ALA A 165 3.66 1.51 7.56
CA ALA A 165 4.78 0.58 7.39
C ALA A 165 5.67 0.52 8.62
N HIS A 166 6.19 -0.67 8.92
CA HIS A 166 7.07 -0.85 10.07
C HIS A 166 8.22 -1.75 9.72
N LYS A 167 9.37 -1.46 10.32
CA LYS A 167 10.48 -2.42 10.38
C LYS A 167 10.16 -3.52 11.38
N ILE A 168 10.35 -4.75 10.93
CA ILE A 168 10.07 -5.93 11.76
C ILE A 168 11.42 -6.55 12.06
N ASP A 169 12.03 -6.15 13.18
CA ASP A 169 13.38 -6.66 13.50
C ASP A 169 13.39 -7.82 14.48
N PHE A 170 12.22 -8.09 15.07
CA PHE A 170 12.06 -9.20 16.01
C PHE A 170 10.99 -10.17 15.54
N GLY A 171 10.82 -10.32 14.23
CA GLY A 171 9.84 -11.26 13.70
C GLY A 171 8.38 -10.79 13.73
N ASN A 172 8.04 -9.96 14.73
CA ASN A 172 6.68 -9.40 14.82
C ASN A 172 6.65 -8.06 15.56
N GLU A 173 5.58 -7.30 15.33
CA GLU A 173 5.34 -6.05 16.05
C GLU A 173 3.99 -6.13 16.79
N PHE A 174 3.94 -5.54 17.97
CA PHE A 174 2.72 -5.57 18.76
C PHE A 174 2.38 -4.13 19.18
N LYS A 175 1.44 -3.51 18.47
N LYS A 175 1.55 -3.47 18.39
CA LYS A 175 1.08 -2.11 18.76
CA LYS A 175 1.12 -2.09 18.63
C LYS A 175 -0.20 -1.53 18.13
C LYS A 175 -0.10 -1.81 17.77
N ASN A 176 -1.14 -2.37 17.72
N ASN A 176 -1.06 -2.71 17.89
CA ASN A 176 -2.45 -1.85 17.30
CA ASN A 176 -2.01 -2.99 16.82
C ASN A 176 -2.56 -1.23 15.91
C ASN A 176 -2.52 -1.94 15.85
N ILE A 177 -1.57 -1.50 15.06
CA ILE A 177 -1.67 -1.23 13.64
C ILE A 177 -2.96 -1.84 13.08
N PHE A 178 -3.69 -1.06 12.30
CA PHE A 178 -4.97 -1.52 11.75
C PHE A 178 -5.31 -0.74 10.46
N GLY A 179 -5.40 -1.46 9.35
CA GLY A 179 -5.74 -0.86 8.05
C GLY A 179 -7.24 -0.87 7.73
N THR A 180 -7.54 -1.01 6.44
CA THR A 180 -8.91 -1.02 5.94
C THR A 180 -9.48 -2.42 6.09
N PRO A 181 -10.67 -2.56 6.74
CA PRO A 181 -11.26 -3.87 7.02
C PRO A 181 -11.26 -4.90 5.87
N GLU A 182 -11.61 -4.49 4.66
CA GLU A 182 -11.63 -5.47 3.56
C GLU A 182 -10.29 -6.13 3.30
N PHE A 183 -9.19 -5.48 3.70
CA PHE A 183 -7.86 -5.93 3.27
C PHE A 183 -6.95 -6.41 4.38
N VAL A 184 -7.42 -6.30 5.63
CA VAL A 184 -6.56 -6.66 6.76
C VAL A 184 -6.63 -8.14 7.05
N ALA A 185 -5.51 -8.68 7.54
CA ALA A 185 -5.44 -10.11 7.89
C ALA A 185 -6.12 -10.44 9.22
N PRO A 186 -6.49 -11.71 9.44
CA PRO A 186 -7.12 -12.06 10.74
C PRO A 186 -6.32 -11.59 11.96
N GLU A 187 -4.99 -11.63 11.90
CA GLU A 187 -4.20 -11.26 13.06
C GLU A 187 -4.36 -9.78 13.38
N ILE A 188 -4.63 -8.95 12.37
CA ILE A 188 -4.94 -7.54 12.59
C ILE A 188 -6.31 -7.42 13.28
N VAL A 189 -7.29 -8.14 12.75
CA VAL A 189 -8.64 -8.13 13.30
C VAL A 189 -8.65 -8.56 14.77
N ASN A 190 -7.79 -9.52 15.10
CA ASN A 190 -7.76 -10.13 16.44
C ASN A 190 -6.71 -9.48 17.38
N TYR A 191 -6.08 -8.40 16.91
CA TYR A 191 -5.13 -7.64 17.71
C TYR A 191 -3.98 -8.49 18.22
N GLU A 192 -3.50 -9.37 17.34
CA GLU A 192 -2.36 -10.25 17.62
C GLU A 192 -1.06 -9.65 17.08
N PRO A 193 0.10 -10.16 17.54
CA PRO A 193 1.37 -9.72 16.95
C PRO A 193 1.40 -9.88 15.43
N LEU A 194 2.02 -8.90 14.76
CA LEU A 194 1.93 -8.79 13.32
C LEU A 194 3.32 -8.89 12.72
N GLY A 195 3.39 -9.49 11.55
CA GLY A 195 4.68 -9.54 10.83
C GLY A 195 4.46 -9.41 9.35
N LEU A 196 5.45 -9.85 8.58
CA LEU A 196 5.41 -9.75 7.13
C LEU A 196 4.22 -10.52 6.55
N GLU A 197 3.71 -11.51 7.30
CA GLU A 197 2.66 -12.38 6.78
C GLU A 197 1.38 -11.62 6.47
N ALA A 198 1.12 -10.57 7.25
CA ALA A 198 -0.12 -9.79 7.04
C ALA A 198 -0.16 -9.22 5.62
N ASP A 199 0.97 -8.76 5.12
CA ASP A 199 1.02 -8.28 3.70
C ASP A 199 0.64 -9.37 2.68
N MET A 200 1.05 -10.61 2.94
CA MET A 200 0.74 -11.71 2.04
C MET A 200 -0.75 -12.00 1.98
N TRP A 201 -1.43 -11.91 3.14
CA TRP A 201 -2.89 -12.01 3.15
C TRP A 201 -3.50 -10.90 2.25
N SER A 202 -3.03 -9.66 2.45
CA SER A 202 -3.57 -8.53 1.64
C SER A 202 -3.38 -8.78 0.14
N ILE A 203 -2.22 -9.32 -0.23
CA ILE A 203 -1.96 -9.70 -1.63
C ILE A 203 -3.01 -10.70 -2.14
N GLY A 204 -3.36 -11.69 -1.31
CA GLY A 204 -4.43 -12.67 -1.68
C GLY A 204 -5.75 -11.98 -1.93
N VAL A 205 -6.10 -11.00 -1.11
CA VAL A 205 -7.35 -10.25 -1.29
C VAL A 205 -7.29 -9.46 -2.59
N ILE A 206 -6.19 -8.74 -2.81
CA ILE A 206 -5.98 -7.98 -4.04
C ILE A 206 -6.09 -8.89 -5.28
N THR A 207 -5.48 -10.07 -5.21
CA THR A 207 -5.52 -11.02 -6.33
C THR A 207 -6.96 -11.47 -6.60
N TYR A 208 -7.72 -11.76 -5.54
CA TYR A 208 -9.12 -12.15 -5.72
C TYR A 208 -9.92 -11.06 -6.45
N ILE A 209 -9.71 -9.81 -6.06
CA ILE A 209 -10.38 -8.66 -6.67
C ILE A 209 -9.93 -8.49 -8.13
N LEU A 210 -8.63 -8.60 -8.38
CA LEU A 210 -8.11 -8.44 -9.76
C LEU A 210 -8.79 -9.40 -10.71
N LEU A 211 -8.99 -10.63 -10.27
CA LEU A 211 -9.54 -11.66 -11.15
C LEU A 211 -11.06 -11.61 -11.30
N SER A 212 -11.76 -11.12 -10.27
CA SER A 212 -13.21 -11.24 -10.22
C SER A 212 -13.99 -9.94 -10.23
N GLY A 213 -13.36 -8.85 -9.79
CA GLY A 213 -14.10 -7.59 -9.58
C GLY A 213 -14.92 -7.56 -8.30
N ALA A 214 -14.80 -8.63 -7.49
CA ALA A 214 -15.54 -8.74 -6.24
C ALA A 214 -14.58 -8.87 -5.04
N SER A 215 -15.02 -8.31 -3.90
CA SER A 215 -14.22 -8.31 -2.66
C SER A 215 -14.60 -9.52 -1.81
N PRO A 216 -13.61 -10.37 -1.45
CA PRO A 216 -13.91 -11.68 -0.87
C PRO A 216 -14.63 -11.71 0.51
N PHE A 217 -14.36 -10.72 1.36
CA PHE A 217 -14.88 -10.73 2.73
C PHE A 217 -15.88 -9.62 3.01
N LEU A 218 -16.18 -8.80 2.01
CA LEU A 218 -16.96 -7.57 2.24
C LEU A 218 -18.37 -7.87 2.70
N GLY A 219 -18.72 -7.30 3.85
CA GLY A 219 -20.09 -7.36 4.37
C GLY A 219 -20.77 -6.00 4.21
N ASP A 220 -21.97 -5.88 4.75
CA ASP A 220 -22.69 -4.60 4.65
C ASP A 220 -22.26 -3.56 5.66
N THR A 221 -21.49 -4.00 6.66
CA THR A 221 -20.97 -3.10 7.68
C THR A 221 -19.52 -3.49 7.95
N LYS A 222 -18.75 -2.58 8.57
CA LYS A 222 -17.35 -2.87 8.88
C LYS A 222 -17.24 -4.07 9.84
N GLN A 223 -18.10 -4.14 10.85
CA GLN A 223 -18.08 -5.29 11.77
C GLN A 223 -18.30 -6.62 11.06
N GLU A 224 -19.23 -6.66 10.09
CA GLU A 224 -19.45 -7.87 9.32
C GLU A 224 -18.19 -8.22 8.52
N THR A 225 -17.60 -7.23 7.88
CA THR A 225 -16.35 -7.48 7.12
C THR A 225 -15.26 -8.09 8.01
N LEU A 226 -15.05 -7.44 9.16
CA LEU A 226 -14.05 -7.92 10.09
C LEU A 226 -14.35 -9.34 10.61
N ALA A 227 -15.63 -9.61 10.90
CA ALA A 227 -16.02 -10.96 11.35
C ALA A 227 -15.76 -11.99 10.25
N ASN A 228 -16.05 -11.62 9.00
CA ASN A 228 -15.79 -12.48 7.87
C ASN A 228 -14.31 -12.81 7.69
N VAL A 229 -13.50 -11.76 7.83
CA VAL A 229 -12.02 -11.95 7.73
C VAL A 229 -11.54 -12.91 8.81
N SER A 230 -11.95 -12.68 10.06
CA SER A 230 -11.46 -13.52 11.14
C SER A 230 -11.86 -14.98 10.98
N ALA A 231 -13.05 -15.22 10.41
CA ALA A 231 -13.57 -16.56 10.20
C ALA A 231 -13.15 -17.20 8.88
N VAL A 232 -12.38 -16.45 8.08
CA VAL A 232 -12.01 -16.82 6.71
C VAL A 232 -13.26 -17.25 5.91
N ASN A 233 -14.27 -16.40 6.01
CA ASN A 233 -15.56 -16.59 5.32
C ASN A 233 -15.50 -15.99 3.93
N TYR A 234 -14.87 -16.71 2.99
CA TYR A 234 -14.94 -16.37 1.58
C TYR A 234 -15.08 -17.64 0.75
N GLU A 235 -15.53 -17.45 -0.48
CA GLU A 235 -15.56 -18.56 -1.45
C GLU A 235 -15.40 -18.02 -2.86
N PHE A 236 -15.05 -18.92 -3.78
CA PHE A 236 -14.94 -18.53 -5.18
C PHE A 236 -16.29 -18.67 -5.88
N GLU A 237 -16.99 -17.56 -6.08
CA GLU A 237 -18.31 -17.64 -6.75
C GLU A 237 -18.17 -18.07 -8.19
N ASP A 238 -18.86 -19.14 -8.57
CA ASP A 238 -18.81 -19.62 -9.97
C ASP A 238 -19.12 -18.53 -10.98
N GLU A 239 -20.04 -17.62 -10.65
CA GLU A 239 -20.43 -16.59 -11.62
C GLU A 239 -19.23 -15.71 -11.99
N TYR A 240 -18.32 -15.54 -11.03
CA TYR A 240 -17.15 -14.69 -11.22
C TYR A 240 -15.89 -15.45 -11.62
N PHE A 241 -15.80 -16.71 -11.22
CA PHE A 241 -14.57 -17.49 -11.33
C PHE A 241 -14.64 -18.69 -12.28
N SER A 242 -15.72 -18.83 -13.04
CA SER A 242 -15.83 -20.01 -13.94
C SER A 242 -14.82 -20.00 -15.09
N ASN A 243 -14.32 -18.81 -15.44
CA ASN A 243 -13.32 -18.65 -16.50
C ASN A 243 -11.90 -18.85 -15.97
N THR A 244 -11.78 -18.79 -14.63
CA THR A 244 -10.50 -18.63 -13.96
C THR A 244 -9.81 -19.97 -13.74
N SER A 245 -8.51 -20.02 -13.99
CA SER A 245 -7.76 -21.27 -13.88
C SER A 245 -7.69 -21.80 -12.45
N ALA A 246 -7.56 -23.11 -12.33
CA ALA A 246 -7.43 -23.75 -11.03
C ALA A 246 -6.16 -23.26 -10.32
N LEU A 247 -5.08 -23.01 -11.07
CA LEU A 247 -3.84 -22.50 -10.43
C LEU A 247 -3.99 -21.13 -9.82
N ALA A 248 -4.76 -20.26 -10.46
CA ALA A 248 -5.03 -18.92 -9.90
C ALA A 248 -5.75 -19.06 -8.57
N LYS A 249 -6.78 -19.92 -8.53
CA LYS A 249 -7.51 -20.18 -7.29
C LYS A 249 -6.57 -20.77 -6.22
N ASP A 250 -5.67 -21.66 -6.62
CA ASP A 250 -4.71 -22.28 -5.71
C ASP A 250 -3.81 -21.21 -5.07
N PHE A 251 -3.36 -20.26 -5.88
CA PHE A 251 -2.50 -19.16 -5.40
C PHE A 251 -3.22 -18.38 -4.30
N ILE A 252 -4.47 -18.00 -4.58
CA ILE A 252 -5.27 -17.25 -3.61
C ILE A 252 -5.52 -18.07 -2.37
N ARG A 253 -5.90 -19.35 -2.56
CA ARG A 253 -6.21 -20.20 -1.41
C ARG A 253 -5.01 -20.32 -0.44
N ARG A 254 -3.79 -20.28 -0.97
CA ARG A 254 -2.59 -20.42 -0.13
C ARG A 254 -2.14 -19.13 0.55
N LEU A 255 -2.78 -18.03 0.17
CA LEU A 255 -2.56 -16.74 0.84
C LEU A 255 -3.64 -16.43 1.87
N LEU A 256 -4.89 -16.81 1.55
CA LEU A 256 -6.03 -16.52 2.46
C LEU A 256 -6.16 -17.61 3.54
N VAL A 257 -5.13 -17.71 4.36
CA VAL A 257 -4.97 -18.73 5.39
C VAL A 257 -4.89 -18.02 6.75
N LYS A 258 -5.71 -18.46 7.70
CA LYS A 258 -5.74 -17.79 9.00
C LYS A 258 -4.42 -17.84 9.76
N ASP A 259 -3.80 -19.03 9.82
CA ASP A 259 -2.57 -19.18 10.57
C ASP A 259 -1.44 -18.53 9.79
N PRO A 260 -0.86 -17.42 10.32
CA PRO A 260 0.19 -16.75 9.53
C PRO A 260 1.35 -17.67 9.17
N LYS A 261 1.64 -18.67 10.00
CA LYS A 261 2.80 -19.54 9.78
C LYS A 261 2.58 -20.48 8.61
N LYS A 262 1.32 -20.67 8.23
CA LYS A 262 0.97 -21.63 7.19
C LYS A 262 0.71 -20.93 5.86
N ARG A 263 0.72 -19.60 5.88
CA ARG A 263 0.49 -18.78 4.70
C ARG A 263 1.73 -18.76 3.81
N MET A 264 1.57 -18.67 2.48
CA MET A 264 2.72 -18.51 1.62
C MET A 264 3.48 -17.24 1.98
N THR A 265 4.79 -17.32 1.94
CA THR A 265 5.65 -16.14 2.08
C THR A 265 5.82 -15.47 0.73
N ILE A 266 6.44 -14.30 0.72
CA ILE A 266 6.73 -13.64 -0.55
C ILE A 266 7.59 -14.51 -1.47
N GLN A 267 8.59 -15.18 -0.91
CA GLN A 267 9.41 -16.08 -1.75
C GLN A 267 8.57 -17.24 -2.29
N ASP A 268 7.69 -17.81 -1.47
CA ASP A 268 6.80 -18.88 -1.91
C ASP A 268 5.95 -18.39 -3.07
N SER A 269 5.47 -17.14 -2.98
N SER A 269 5.46 -17.16 -2.99
CA SER A 269 4.54 -16.60 -3.97
CA SER A 269 4.55 -16.64 -4.00
C SER A 269 5.19 -16.47 -5.35
C SER A 269 5.21 -16.53 -5.36
N LEU A 270 6.49 -16.15 -5.35
CA LEU A 270 7.28 -16.01 -6.57
C LEU A 270 7.64 -17.35 -7.20
N GLN A 271 7.67 -18.40 -6.39
CA GLN A 271 7.94 -19.78 -6.87
C GLN A 271 6.67 -20.55 -7.24
N HIS A 272 5.50 -20.04 -6.85
CA HIS A 272 4.23 -20.74 -7.11
C HIS A 272 4.04 -20.97 -8.61
N PRO A 273 3.59 -22.18 -9.01
CA PRO A 273 3.44 -22.48 -10.43
C PRO A 273 2.61 -21.48 -11.27
N TRP A 274 1.67 -20.76 -10.65
CA TRP A 274 0.92 -19.73 -11.40
C TRP A 274 1.80 -18.54 -11.78
N ILE A 275 2.81 -18.28 -10.95
CA ILE A 275 3.70 -17.11 -11.13
C ILE A 275 5.04 -17.46 -11.78
N LYS A 276 5.65 -18.57 -11.36
CA LYS A 276 6.99 -18.95 -11.83
C LYS A 276 6.99 -19.13 -13.35
N PRO A 277 7.95 -18.48 -14.04
CA PRO A 277 8.04 -18.56 -15.50
C PRO A 277 8.64 -19.87 -15.97
N GLN A 292 -11.08 0.96 11.76
CA GLN A 292 -11.79 -0.26 12.15
C GLN A 292 -13.27 -0.01 12.50
N PHE A 293 -13.56 1.15 13.10
CA PHE A 293 -14.87 1.38 13.71
C PHE A 293 -15.82 2.23 12.87
#